data_5XA2
#
_entry.id   5XA2
#
_cell.length_a   54.996
_cell.length_b   90.041
_cell.length_c   128.360
_cell.angle_alpha   90.00
_cell.angle_beta   90.00
_cell.angle_gamma   90.00
#
_symmetry.space_group_name_H-M   'P 2 21 21'
#
loop_
_entity.id
_entity.type
_entity.pdbx_description
1 polymer 'Cysteine synthase'
2 water water
#
_entity_poly.entity_id   1
_entity_poly.type   'polypeptide(L)'
_entity_poly.pdbx_seq_one_letter_code
;MPIFKDNSESIGRTPLVQINRLTAGLSSRVLAKIEGRNPAYSV(LLP)CRIGAAMIWDAEQSGKLKPGMHVVEPTSGNTG
IALAFVCAARGYKLTLTMPETMSIERRMMLKSFGADLVLTPGADGMKGAISKAEELAAQPGWFIPQQFKNPANPAIHVKT
TGPEIWNDTEGQVDVFVAGVGTGGTITGVARFLKHEKKHPVHVVAVEPAASPVLAGGPAGRHKIQGIGAGFVPDTFDRSV
VDEILSVTDDEAIETARKLAMEEGISCGISCGAAMAGALKVAARPEFAGKTIVTVLPDAGERYLSTALFENLR
;
_entity_poly.pdbx_strand_id   A,B
#
# COMPACT_ATOMS: atom_id res chain seq x y z
N MET A 1 -10.28 14.40 5.53
CA MET A 1 -9.67 14.34 4.20
C MET A 1 -10.66 14.72 3.09
N PRO A 2 -10.16 15.38 2.04
CA PRO A 2 -11.03 15.71 0.91
C PRO A 2 -11.40 14.47 0.11
N ILE A 3 -12.27 14.67 -0.87
CA ILE A 3 -12.47 13.69 -1.91
C ILE A 3 -11.46 14.00 -3.01
N PHE A 4 -10.62 13.04 -3.36
CA PHE A 4 -9.58 13.27 -4.35
C PHE A 4 -10.16 13.12 -5.76
N LYS A 5 -9.97 14.16 -6.58
CA LYS A 5 -10.58 14.15 -7.91
C LYS A 5 -9.93 13.15 -8.84
N ASP A 6 -8.69 12.76 -8.58
CA ASP A 6 -8.10 11.60 -9.23
C ASP A 6 -7.08 11.02 -8.27
N ASN A 7 -6.55 9.84 -8.60
CA ASN A 7 -5.68 9.14 -7.67
C ASN A 7 -4.37 9.88 -7.42
N SER A 8 -3.93 10.74 -8.36
CA SER A 8 -2.67 11.44 -8.16
C SER A 8 -2.78 12.43 -6.99
N GLU A 9 -3.98 12.97 -6.75
CA GLU A 9 -4.18 13.91 -5.65
C GLU A 9 -4.07 13.25 -4.28
N SER A 10 -4.18 11.92 -4.20
CA SER A 10 -4.19 11.23 -2.91
C SER A 10 -2.78 10.96 -2.34
N ILE A 11 -1.72 11.53 -2.91
CA ILE A 11 -0.38 11.23 -2.44
C ILE A 11 -0.21 11.63 -0.97
N GLY A 12 0.74 10.98 -0.30
CA GLY A 12 1.17 11.45 1.00
C GLY A 12 0.19 11.16 2.12
N ARG A 13 0.29 11.96 3.18
CA ARG A 13 -0.43 11.73 4.44
C ARG A 13 -0.11 10.33 5.01
N THR A 14 1.15 9.96 4.94
CA THR A 14 1.54 8.63 5.39
C THR A 14 1.78 8.63 6.91
N PRO A 15 1.64 7.46 7.55
CA PRO A 15 1.74 7.40 9.02
C PRO A 15 3.16 7.31 9.54
N LEU A 16 3.33 7.82 10.76
CA LEU A 16 4.53 7.64 11.57
C LEU A 16 4.27 6.53 12.58
N VAL A 17 5.13 5.50 12.56
CA VAL A 17 4.98 4.35 13.44
C VAL A 17 6.23 4.21 14.30
N GLN A 18 6.03 4.15 15.60
CA GLN A 18 7.12 3.96 16.54
C GLN A 18 7.69 2.54 16.49
N ILE A 19 9.02 2.45 16.49
CA ILE A 19 9.74 1.19 16.42
C ILE A 19 10.00 0.71 17.86
N ASN A 20 9.64 -0.53 18.16
CA ASN A 20 9.56 -0.96 19.56
C ASN A 20 10.55 -2.05 19.93
N ARG A 21 10.79 -3.02 19.06
CA ARG A 21 11.70 -4.10 19.42
C ARG A 21 13.12 -3.89 18.89
N LEU A 22 13.27 -3.35 17.67
CA LEU A 22 14.61 -3.03 17.18
C LEU A 22 15.26 -1.91 17.98
N THR A 23 14.48 -1.17 18.78
CA THR A 23 14.98 -0.15 19.67
C THR A 23 15.07 -0.61 21.13
N ALA A 24 14.92 -1.91 21.39
CA ALA A 24 14.92 -2.38 22.78
C ALA A 24 16.19 -1.96 23.51
N GLY A 25 16.03 -1.26 24.63
CA GLY A 25 17.18 -0.81 25.39
C GLY A 25 17.75 0.54 25.02
N LEU A 26 17.18 1.23 24.02
CA LEU A 26 17.53 2.61 23.72
C LEU A 26 16.63 3.54 24.53
N SER A 27 17.14 4.74 24.85
CA SER A 27 16.31 5.74 25.52
C SER A 27 15.78 6.79 24.56
N SER A 28 16.20 6.76 23.30
CA SER A 28 15.63 7.61 22.27
C SER A 28 14.38 6.95 21.71
N ARG A 29 13.72 7.65 20.79
CA ARG A 29 12.50 7.18 20.15
C ARG A 29 12.72 7.20 18.64
N VAL A 30 12.42 6.10 17.97
CA VAL A 30 12.60 5.98 16.52
C VAL A 30 11.23 5.79 15.89
N LEU A 31 10.88 6.67 14.97
CA LEU A 31 9.58 6.69 14.30
C LEU A 31 9.81 6.49 12.81
N ALA A 32 9.07 5.58 12.21
CA ALA A 32 9.20 5.25 10.80
C ALA A 32 8.02 5.84 10.03
N LYS A 33 8.31 6.56 8.95
CA LYS A 33 7.27 7.08 8.06
C LYS A 33 7.06 6.07 6.95
N ILE A 34 5.84 5.58 6.83
CA ILE A 34 5.52 4.42 5.97
C ILE A 34 5.10 4.96 4.60
N GLU A 35 6.09 5.20 3.73
CA GLU A 35 5.83 5.71 2.38
C GLU A 35 5.30 4.65 1.45
N GLY A 36 5.29 3.37 1.88
CA GLY A 36 4.61 2.34 1.14
C GLY A 36 3.13 2.59 0.98
N ARG A 37 2.55 3.47 1.80
CA ARG A 37 1.11 3.70 1.82
C ARG A 37 0.77 4.94 0.99
N ASN A 38 0.96 4.79 -0.31
CA ASN A 38 0.83 5.84 -1.30
C ASN A 38 0.01 5.27 -2.44
N PRO A 39 -0.52 6.13 -3.32
CA PRO A 39 -1.49 5.64 -4.34
C PRO A 39 -0.94 4.51 -5.19
N ALA A 40 0.36 4.53 -5.52
CA ALA A 40 1.00 3.40 -6.20
C ALA A 40 2.13 2.82 -5.35
N TYR A 41 2.01 2.97 -4.03
CA TYR A 41 2.73 2.19 -3.01
C TYR A 41 4.23 2.49 -2.93
N SER A 42 4.68 3.73 -3.23
CA SER A 42 6.03 4.11 -2.82
C SER A 42 6.10 5.62 -2.63
N VAL A 43 7.20 6.05 -2.00
CA VAL A 43 7.51 7.46 -1.84
C VAL A 43 7.52 8.22 -3.17
N CYS A 45 5.59 8.16 -5.57
CA CYS A 45 4.26 8.66 -5.97
C CYS A 45 4.19 10.16 -5.77
N ARG A 46 4.81 10.66 -4.69
CA ARG A 46 4.76 12.10 -4.43
C ARG A 46 5.37 12.88 -5.58
N ILE A 47 6.52 12.43 -6.11
CA ILE A 47 7.22 13.21 -7.14
C ILE A 47 6.70 12.89 -8.54
N GLY A 48 6.17 11.70 -8.76
CA GLY A 48 5.51 11.45 -10.02
C GLY A 48 4.34 12.39 -10.22
N ALA A 49 3.53 12.57 -9.18
CA ALA A 49 2.45 13.55 -9.23
C ALA A 49 3.00 14.97 -9.34
N ALA A 50 3.95 15.34 -8.48
CA ALA A 50 4.43 16.73 -8.45
C ALA A 50 5.08 17.14 -9.76
N MET A 51 5.88 16.25 -10.36
CA MET A 51 6.56 16.62 -11.60
C MET A 51 5.57 16.77 -12.76
N ILE A 52 4.48 16.01 -12.75
CA ILE A 52 3.46 16.16 -13.77
C ILE A 52 2.67 17.45 -13.54
N TRP A 53 2.24 17.67 -12.29
CA TRP A 53 1.51 18.89 -11.95
C TRP A 53 2.32 20.13 -12.27
N ASP A 54 3.60 20.09 -11.94
CA ASP A 54 4.44 21.25 -12.18
C ASP A 54 4.63 21.51 -13.67
N ALA A 55 4.72 20.44 -14.47
CA ALA A 55 4.87 20.65 -15.91
C ALA A 55 3.57 21.18 -16.52
N GLU A 56 2.42 20.79 -15.96
CA GLU A 56 1.15 21.36 -16.39
C GLU A 56 1.12 22.86 -16.12
N GLN A 57 1.53 23.27 -14.92
CA GLN A 57 1.48 24.69 -14.55
C GLN A 57 2.36 25.54 -15.45
N SER A 58 3.57 25.06 -15.77
CA SER A 58 4.52 25.85 -16.52
C SER A 58 4.31 25.76 -18.02
N GLY A 59 3.44 24.87 -18.48
CA GLY A 59 3.25 24.68 -19.90
C GLY A 59 4.24 23.76 -20.57
N LYS A 60 5.19 23.18 -19.82
CA LYS A 60 6.08 22.19 -20.42
C LYS A 60 5.35 20.91 -20.77
N LEU A 61 4.21 20.65 -20.15
CA LEU A 61 3.39 19.48 -20.47
C LEU A 61 1.98 19.96 -20.73
N LYS A 62 1.42 19.57 -21.87
CA LYS A 62 0.07 19.93 -22.28
C LYS A 62 -0.69 18.67 -22.67
N PRO A 63 -2.03 18.70 -22.63
CA PRO A 63 -2.79 17.52 -23.03
C PRO A 63 -2.39 17.03 -24.41
N GLY A 64 -2.33 15.71 -24.58
CA GLY A 64 -1.92 15.11 -25.84
C GLY A 64 -0.43 14.89 -25.98
N MET A 65 0.38 15.51 -25.13
CA MET A 65 1.81 15.28 -25.17
C MET A 65 2.15 13.90 -24.57
N HIS A 66 3.38 13.49 -24.82
CA HIS A 66 3.88 12.17 -24.46
C HIS A 66 4.91 12.38 -23.35
N VAL A 67 4.82 11.58 -22.29
CA VAL A 67 5.76 11.65 -21.18
C VAL A 67 6.79 10.54 -21.37
N VAL A 68 8.06 10.88 -21.18
CA VAL A 68 9.13 9.88 -21.28
C VAL A 68 10.15 10.11 -20.18
N GLU A 69 10.61 9.02 -19.57
CA GLU A 69 11.59 9.08 -18.50
C GLU A 69 12.37 7.77 -18.49
N PRO A 70 13.70 7.80 -18.28
CA PRO A 70 14.46 6.54 -18.20
C PRO A 70 14.46 6.01 -16.77
N THR A 71 13.67 4.98 -16.49
CA THR A 71 13.65 4.49 -15.11
C THR A 71 13.06 3.08 -15.08
N SER A 72 13.70 2.22 -14.31
CA SER A 72 13.12 0.93 -13.97
C SER A 72 12.21 1.02 -12.77
N GLY A 73 12.72 1.60 -11.68
CA GLY A 73 12.16 1.42 -10.36
C GLY A 73 10.91 2.19 -10.04
N ASN A 74 10.81 2.65 -8.80
CA ASN A 74 9.56 3.19 -8.30
C ASN A 74 9.12 4.43 -9.08
N THR A 75 10.07 5.19 -9.64
CA THR A 75 9.68 6.39 -10.36
C THR A 75 8.87 6.04 -11.61
N GLY A 76 9.22 4.92 -12.27
CA GLY A 76 8.42 4.49 -13.42
C GLY A 76 7.01 4.12 -13.01
N ILE A 77 6.86 3.50 -11.84
CA ILE A 77 5.53 3.13 -11.35
C ILE A 77 4.71 4.36 -11.03
N ALA A 78 5.32 5.35 -10.37
CA ALA A 78 4.63 6.58 -10.03
C ALA A 78 4.19 7.33 -11.27
N LEU A 79 5.12 7.55 -12.21
CA LEU A 79 4.74 8.21 -13.46
C LEU A 79 3.65 7.44 -14.19
N ALA A 80 3.68 6.09 -14.11
CA ALA A 80 2.71 5.30 -14.85
C ALA A 80 1.31 5.48 -14.29
N PHE A 81 1.16 5.39 -12.97
CA PHE A 81 -0.17 5.57 -12.39
C PHE A 81 -0.64 7.00 -12.53
N VAL A 82 0.27 7.99 -12.44
CA VAL A 82 -0.18 9.38 -12.60
C VAL A 82 -0.61 9.64 -14.04
N CYS A 83 0.18 9.18 -15.02
CA CYS A 83 -0.21 9.41 -16.41
C CYS A 83 -1.51 8.68 -16.74
N ALA A 84 -1.74 7.52 -16.13
CA ALA A 84 -3.00 6.82 -16.33
C ALA A 84 -4.16 7.57 -15.67
N ALA A 85 -3.94 8.15 -14.49
CA ALA A 85 -5.02 8.87 -13.81
C ALA A 85 -5.32 10.20 -14.49
N ARG A 86 -4.32 10.82 -15.10
CA ARG A 86 -4.46 12.16 -15.66
C ARG A 86 -4.50 12.18 -17.17
N GLY A 87 -4.25 11.04 -17.81
CA GLY A 87 -4.55 10.91 -19.22
C GLY A 87 -3.43 11.24 -20.17
N TYR A 88 -2.18 10.99 -19.79
CA TYR A 88 -1.04 11.23 -20.67
C TYR A 88 -0.48 9.92 -21.19
N LYS A 89 -0.04 9.93 -22.45
CA LYS A 89 0.74 8.82 -22.99
C LYS A 89 2.09 8.79 -22.30
N LEU A 90 2.55 7.60 -21.89
CA LEU A 90 3.79 7.46 -21.15
C LEU A 90 4.67 6.42 -21.83
N THR A 91 5.94 6.77 -22.01
CA THR A 91 6.97 5.84 -22.42
C THR A 91 8.05 5.81 -21.35
N LEU A 92 8.50 4.61 -20.99
CA LEU A 92 9.59 4.43 -20.05
C LEU A 92 10.68 3.63 -20.75
N THR A 93 11.91 4.12 -20.70
CA THR A 93 13.06 3.40 -21.24
C THR A 93 13.82 2.71 -20.12
N MET A 94 14.28 1.49 -20.39
CA MET A 94 14.95 0.67 -19.39
C MET A 94 15.78 -0.40 -20.09
N PRO A 95 16.95 -0.76 -19.57
CA PRO A 95 17.70 -1.87 -20.16
C PRO A 95 16.88 -3.15 -20.11
N GLU A 96 17.06 -3.99 -21.13
CA GLU A 96 16.30 -5.24 -21.27
C GLU A 96 16.51 -6.20 -20.10
N THR A 97 17.52 -5.98 -19.26
CA THR A 97 17.77 -6.76 -18.05
C THR A 97 16.75 -6.47 -16.96
N MET A 98 15.52 -6.14 -17.34
CA MET A 98 14.49 -5.69 -16.42
C MET A 98 13.56 -6.86 -16.11
N SER A 99 13.21 -7.00 -14.82
CA SER A 99 12.40 -8.13 -14.38
C SER A 99 11.04 -8.13 -15.07
N ILE A 100 10.58 -9.33 -15.43
CA ILE A 100 9.32 -9.46 -16.15
C ILE A 100 8.15 -8.98 -15.29
N GLU A 101 8.29 -9.02 -13.95
CA GLU A 101 7.20 -8.64 -13.06
C GLU A 101 7.11 -7.11 -12.90
N ARG A 102 8.25 -6.45 -12.69
CA ARG A 102 8.27 -4.99 -12.69
C ARG A 102 7.69 -4.42 -13.98
N ARG A 103 7.91 -5.12 -15.10
CA ARG A 103 7.34 -4.67 -16.37
C ARG A 103 5.84 -4.87 -16.41
N MET A 104 5.35 -5.98 -15.85
CA MET A 104 3.91 -6.20 -15.81
C MET A 104 3.21 -5.08 -15.06
N MET A 105 3.75 -4.71 -13.89
CA MET A 105 3.18 -3.61 -13.14
C MET A 105 3.12 -2.34 -13.99
N LEU A 106 4.23 -2.03 -14.67
CA LEU A 106 4.28 -0.84 -15.53
C LEU A 106 3.29 -0.96 -16.68
N LYS A 107 3.18 -2.13 -17.29
CA LYS A 107 2.23 -2.29 -18.37
C LYS A 107 0.79 -2.34 -17.87
N SER A 108 0.56 -2.70 -16.61
CA SER A 108 -0.81 -2.69 -16.11
C SER A 108 -1.37 -1.27 -16.09
N PHE A 109 -0.52 -0.27 -15.87
CA PHE A 109 -0.92 1.11 -16.01
C PHE A 109 -0.88 1.59 -17.46
N GLY A 110 -0.62 0.71 -18.42
CA GLY A 110 -0.61 1.10 -19.81
C GLY A 110 0.60 1.88 -20.25
N ALA A 111 1.73 1.73 -19.56
CA ALA A 111 2.95 2.39 -20.01
C ALA A 111 3.56 1.63 -21.18
N ASP A 112 4.06 2.37 -22.14
CA ASP A 112 4.84 1.78 -23.22
C ASP A 112 6.29 1.65 -22.78
N LEU A 113 6.87 0.47 -22.96
CA LEU A 113 8.23 0.20 -22.51
C LEU A 113 9.15 0.12 -23.73
N VAL A 114 10.30 0.77 -23.64
CA VAL A 114 11.33 0.71 -24.67
C VAL A 114 12.57 0.10 -24.03
N LEU A 115 12.90 -1.13 -24.44
CA LEU A 115 14.05 -1.83 -23.91
C LEU A 115 15.29 -1.46 -24.71
N THR A 116 16.35 -1.09 -24.01
CA THR A 116 17.62 -0.72 -24.57
C THR A 116 18.66 -1.78 -24.25
N PRO A 117 19.71 -1.93 -25.07
CA PRO A 117 20.64 -3.05 -24.90
C PRO A 117 21.20 -3.12 -23.48
N GLY A 118 21.05 -4.30 -22.87
CA GLY A 118 21.49 -4.50 -21.50
C GLY A 118 22.95 -4.19 -21.24
N ALA A 119 23.79 -4.29 -22.28
CA ALA A 119 25.22 -4.02 -22.12
C ALA A 119 25.46 -2.55 -21.80
N ASP A 120 24.74 -1.64 -22.45
CA ASP A 120 24.94 -0.21 -22.22
C ASP A 120 24.36 0.25 -20.89
N GLY A 121 23.61 -0.60 -20.20
CA GLY A 121 23.11 -0.36 -18.86
C GLY A 121 22.17 0.83 -18.80
N MET A 122 22.25 1.55 -17.68
CA MET A 122 21.37 2.68 -17.45
C MET A 122 21.62 3.82 -18.41
N LYS A 123 22.89 4.08 -18.73
CA LYS A 123 23.22 5.18 -19.63
C LYS A 123 22.62 4.95 -21.01
N GLY A 124 22.39 3.70 -21.39
CA GLY A 124 21.71 3.43 -22.65
C GLY A 124 20.24 3.81 -22.59
N ALA A 125 19.58 3.51 -21.47
CA ALA A 125 18.19 3.92 -21.32
C ALA A 125 18.07 5.44 -21.27
N ILE A 126 19.02 6.11 -20.62
CA ILE A 126 18.99 7.57 -20.56
C ILE A 126 19.14 8.16 -21.96
N SER A 127 20.07 7.63 -22.76
CA SER A 127 20.27 8.16 -24.12
C SER A 127 19.02 8.03 -24.97
N LYS A 128 18.38 6.86 -24.95
CA LYS A 128 17.14 6.68 -25.69
C LYS A 128 16.06 7.64 -25.21
N ALA A 129 15.92 7.81 -23.89
CA ALA A 129 14.93 8.74 -23.37
C ALA A 129 15.22 10.17 -23.80
N GLU A 130 16.50 10.57 -23.81
CA GLU A 130 16.84 11.92 -24.26
C GLU A 130 16.49 12.10 -25.74
N GLU A 131 16.76 11.08 -26.55
CA GLU A 131 16.42 11.15 -27.97
C GLU A 131 14.91 11.26 -28.17
N LEU A 132 14.14 10.45 -27.45
CA LEU A 132 12.69 10.55 -27.56
C LEU A 132 12.20 11.89 -27.02
N ALA A 133 12.75 12.34 -25.91
CA ALA A 133 12.28 13.57 -25.30
C ALA A 133 12.60 14.80 -26.14
N ALA A 134 13.58 14.69 -27.03
CA ALA A 134 13.92 15.82 -27.87
C ALA A 134 12.85 16.11 -28.91
N GLN A 135 12.01 15.13 -29.23
CA GLN A 135 11.06 15.49 -30.26
C GLN A 135 9.93 16.33 -29.67
N PRO A 136 9.38 17.28 -30.45
CA PRO A 136 8.26 18.08 -29.95
C PRO A 136 7.03 17.21 -29.69
N GLY A 137 6.30 17.57 -28.64
CA GLY A 137 5.20 16.74 -28.19
C GLY A 137 5.55 15.76 -27.09
N TRP A 138 6.83 15.70 -26.69
CA TRP A 138 7.30 14.79 -25.64
C TRP A 138 7.91 15.58 -24.50
N PHE A 139 7.61 15.15 -23.28
CA PHE A 139 8.08 15.80 -22.06
C PHE A 139 8.86 14.79 -21.22
N ILE A 140 10.00 15.22 -20.69
CA ILE A 140 10.83 14.37 -19.83
C ILE A 140 10.92 15.00 -18.45
N PRO A 141 10.42 14.34 -17.40
CA PRO A 141 10.43 14.96 -16.06
C PRO A 141 11.83 15.20 -15.48
N GLN A 142 12.78 14.29 -15.70
CA GLN A 142 14.17 14.41 -15.21
C GLN A 142 14.22 14.39 -13.68
N GLN A 143 14.03 13.17 -13.14
CA GLN A 143 13.84 13.02 -11.69
C GLN A 143 15.07 13.45 -10.88
N PHE A 144 16.26 13.41 -11.46
CA PHE A 144 17.47 13.77 -10.74
C PHE A 144 17.81 15.26 -10.81
N LYS A 145 17.07 16.06 -11.57
CA LYS A 145 17.36 17.47 -11.78
C LYS A 145 16.16 18.37 -11.51
N ASN A 146 14.96 17.83 -11.49
CA ASN A 146 13.74 18.61 -11.45
C ASN A 146 13.53 19.16 -10.05
N PRO A 147 13.53 20.47 -9.86
CA PRO A 147 13.28 21.03 -8.52
C PRO A 147 11.91 20.70 -7.95
N ALA A 148 10.94 20.30 -8.79
CA ALA A 148 9.62 19.94 -8.28
C ALA A 148 9.65 18.71 -7.40
N ASN A 149 10.70 17.87 -7.55
CA ASN A 149 10.94 16.68 -6.73
C ASN A 149 11.19 17.13 -5.28
N PRO A 150 12.29 17.81 -4.90
CA PRO A 150 12.39 18.22 -3.48
C PRO A 150 11.27 19.15 -3.02
N ALA A 151 10.68 19.94 -3.93
CA ALA A 151 9.63 20.89 -3.52
C ALA A 151 8.39 20.18 -2.99
N ILE A 152 8.02 19.02 -3.56
CA ILE A 152 6.82 18.36 -3.04
C ILE A 152 7.07 17.84 -1.63
N HIS A 153 8.32 17.45 -1.32
CA HIS A 153 8.64 17.05 0.05
C HIS A 153 8.69 18.26 0.98
N VAL A 154 9.05 19.43 0.46
CA VAL A 154 8.92 20.65 1.27
C VAL A 154 7.46 20.88 1.61
N LYS A 155 6.55 20.61 0.67
CA LYS A 155 5.14 20.93 0.82
C LYS A 155 4.33 19.84 1.52
N THR A 156 4.75 18.57 1.47
CA THR A 156 3.95 17.50 2.01
C THR A 156 4.72 16.70 3.06
N THR A 157 5.78 15.98 2.67
CA THR A 157 6.48 15.09 3.59
C THR A 157 7.02 15.85 4.80
N GLY A 158 7.71 16.96 4.57
CA GLY A 158 8.25 17.78 5.64
C GLY A 158 7.18 18.18 6.65
N PRO A 159 6.14 18.90 6.19
CA PRO A 159 5.05 19.26 7.12
C PRO A 159 4.38 18.08 7.80
N GLU A 160 4.20 16.94 7.11
CA GLU A 160 3.58 15.79 7.77
C GLU A 160 4.41 15.32 8.96
N ILE A 161 5.73 15.29 8.80
CA ILE A 161 6.61 14.88 9.90
C ILE A 161 6.53 15.89 11.04
N TRP A 162 6.66 17.18 10.70
CA TRP A 162 6.59 18.26 11.69
C TRP A 162 5.31 18.17 12.51
N ASN A 163 4.16 18.00 11.83
CA ASN A 163 2.88 18.07 12.53
C ASN A 163 2.53 16.78 13.26
N ASP A 164 2.81 15.61 12.68
CA ASP A 164 2.51 14.37 13.37
C ASP A 164 3.33 14.21 14.66
N THR A 165 4.57 14.69 14.67
CA THR A 165 5.40 14.68 15.88
C THR A 165 5.13 15.86 16.80
N GLU A 166 4.27 16.80 16.40
CA GLU A 166 4.06 18.02 17.17
C GLU A 166 5.37 18.74 17.45
N GLY A 167 6.23 18.86 16.42
CA GLY A 167 7.46 19.61 16.54
C GLY A 167 8.58 18.92 17.28
N GLN A 168 8.46 17.64 17.59
CA GLN A 168 9.50 16.87 18.28
C GLN A 168 10.15 15.95 17.25
N VAL A 169 11.16 16.48 16.57
CA VAL A 169 11.98 15.70 15.66
C VAL A 169 13.37 16.32 15.71
N ASP A 170 14.31 15.56 16.26
CA ASP A 170 15.67 16.02 16.47
C ASP A 170 16.66 15.43 15.49
N VAL A 171 16.32 14.33 14.82
CA VAL A 171 17.16 13.69 13.84
C VAL A 171 16.27 13.21 12.71
N PHE A 172 16.68 13.47 11.47
CA PHE A 172 16.03 12.92 10.28
C PHE A 172 17.06 12.13 9.50
N VAL A 173 16.76 10.85 9.24
CA VAL A 173 17.65 9.88 8.61
C VAL A 173 16.93 9.36 7.36
N ALA A 174 17.55 9.50 6.20
CA ALA A 174 16.89 9.10 4.97
C ALA A 174 17.90 8.55 3.98
N GLY A 175 17.60 7.40 3.39
CA GLY A 175 18.38 6.97 2.25
C GLY A 175 18.25 7.98 1.11
N VAL A 176 19.28 8.05 0.29
CA VAL A 176 19.40 9.07 -0.76
C VAL A 176 19.44 8.37 -2.13
N GLY A 177 18.40 8.58 -2.93
CA GLY A 177 18.37 8.16 -4.31
C GLY A 177 18.55 9.36 -5.22
N THR A 178 17.44 10.04 -5.56
CA THR A 178 17.55 11.38 -6.11
C THR A 178 17.93 12.39 -5.04
N GLY A 179 17.67 12.07 -3.77
CA GLY A 179 17.90 13.00 -2.68
C GLY A 179 16.78 13.99 -2.44
N GLY A 180 15.67 13.91 -3.18
CA GLY A 180 14.62 14.88 -3.00
C GLY A 180 13.96 14.81 -1.63
N THR A 181 13.78 13.59 -1.11
CA THR A 181 13.16 13.40 0.20
C THR A 181 13.98 14.10 1.28
N ILE A 182 15.27 13.77 1.37
CA ILE A 182 16.05 14.34 2.46
C ILE A 182 16.23 15.85 2.27
N THR A 183 16.32 16.31 1.02
CA THR A 183 16.49 17.74 0.75
C THR A 183 15.23 18.51 1.11
N GLY A 184 14.06 18.03 0.69
CA GLY A 184 12.83 18.74 0.97
C GLY A 184 12.46 18.76 2.44
N VAL A 185 12.62 17.62 3.12
CA VAL A 185 12.32 17.56 4.55
C VAL A 185 13.28 18.47 5.32
N ALA A 186 14.57 18.39 5.03
CA ALA A 186 15.55 19.23 5.71
C ALA A 186 15.28 20.71 5.44
N ARG A 187 14.99 21.08 4.19
CA ARG A 187 14.67 22.47 3.87
C ARG A 187 13.47 22.95 4.68
N PHE A 188 12.41 22.14 4.74
CA PHE A 188 11.22 22.57 5.46
C PHE A 188 11.51 22.77 6.93
N LEU A 189 12.15 21.78 7.57
CA LEU A 189 12.42 21.87 8.99
C LEU A 189 13.38 23.02 9.31
N LYS A 190 14.50 23.08 8.58
CA LYS A 190 15.54 24.05 8.92
C LYS A 190 15.18 25.47 8.45
N HIS A 191 14.70 25.62 7.22
CA HIS A 191 14.50 26.97 6.71
C HIS A 191 13.10 27.51 6.97
N GLU A 192 12.06 26.69 6.78
CA GLU A 192 10.72 27.23 6.98
C GLU A 192 10.32 27.23 8.45
N LYS A 193 10.66 26.21 9.21
CA LYS A 193 10.31 26.15 10.63
C LYS A 193 11.45 26.55 11.54
N LYS A 194 12.64 26.85 11.01
CA LYS A 194 13.79 27.29 11.81
C LYS A 194 14.14 26.27 12.88
N HIS A 195 13.91 24.99 12.59
CA HIS A 195 14.00 23.96 13.62
C HIS A 195 15.37 23.30 13.60
N PRO A 196 16.07 23.21 14.72
CA PRO A 196 17.30 22.44 14.76
C PRO A 196 17.00 20.95 14.63
N VAL A 197 17.70 20.30 13.70
CA VAL A 197 17.51 18.89 13.41
C VAL A 197 18.80 18.39 12.79
N HIS A 198 19.27 17.23 13.24
CA HIS A 198 20.46 16.62 12.69
C HIS A 198 20.04 15.70 11.54
N VAL A 199 20.51 16.01 10.34
CA VAL A 199 20.03 15.40 9.10
C VAL A 199 21.09 14.43 8.57
N VAL A 200 20.72 13.15 8.42
CA VAL A 200 21.67 12.09 8.09
C VAL A 200 21.27 11.43 6.77
N ALA A 201 22.16 11.47 5.78
CA ALA A 201 21.95 10.78 4.52
C ALA A 201 22.53 9.36 4.60
N VAL A 202 21.81 8.40 4.04
CA VAL A 202 22.23 7.01 4.07
C VAL A 202 22.50 6.55 2.65
N GLU A 203 23.66 5.91 2.44
CA GLU A 203 24.08 5.42 1.13
C GLU A 203 24.68 4.03 1.30
N PRO A 204 24.82 3.27 0.22
CA PRO A 204 25.43 1.94 0.34
C PRO A 204 26.94 2.06 0.54
N ALA A 205 27.45 1.29 1.51
CA ALA A 205 28.89 1.24 1.71
C ALA A 205 29.60 0.77 0.45
N ALA A 206 28.92 -0.01 -0.38
CA ALA A 206 29.50 -0.48 -1.63
C ALA A 206 29.51 0.59 -2.73
N SER A 207 28.80 1.69 -2.54
CA SER A 207 28.79 2.80 -3.52
C SER A 207 28.71 4.12 -2.76
N PRO A 208 29.82 4.51 -1.99
CA PRO A 208 29.75 5.66 -1.07
C PRO A 208 30.04 6.99 -1.75
N VAL A 209 29.23 7.30 -2.76
CA VAL A 209 29.49 8.42 -3.66
C VAL A 209 29.31 9.77 -2.96
N LEU A 210 28.30 9.88 -2.09
CA LEU A 210 28.07 11.14 -1.38
C LEU A 210 29.25 11.50 -0.47
N ALA A 211 29.98 10.50 0.03
CA ALA A 211 31.15 10.77 0.84
C ALA A 211 32.42 10.87 0.01
N GLY A 212 32.29 10.88 -1.32
CA GLY A 212 33.42 11.11 -2.20
C GLY A 212 34.10 9.87 -2.72
N GLY A 213 33.64 8.67 -2.33
CA GLY A 213 34.24 7.46 -2.83
C GLY A 213 33.65 7.05 -4.17
N PRO A 214 34.21 6.00 -4.75
CA PRO A 214 33.80 5.60 -6.09
C PRO A 214 32.51 4.79 -6.10
N ALA A 215 31.73 4.99 -7.16
CA ALA A 215 30.52 4.20 -7.35
C ALA A 215 30.87 2.71 -7.45
N GLY A 216 29.94 1.86 -7.02
CA GLY A 216 30.10 0.43 -7.14
C GLY A 216 28.76 -0.26 -7.27
N ARG A 217 28.80 -1.57 -7.51
CA ARG A 217 27.59 -2.39 -7.53
C ARG A 217 27.07 -2.64 -6.11
N HIS A 218 25.75 -2.68 -5.97
CA HIS A 218 25.11 -2.88 -4.68
C HIS A 218 23.66 -3.26 -4.92
N LYS A 219 23.02 -3.78 -3.86
CA LYS A 219 21.69 -4.38 -3.95
C LYS A 219 20.60 -3.55 -3.27
N ILE A 220 20.91 -2.35 -2.80
CA ILE A 220 19.93 -1.54 -2.05
C ILE A 220 19.18 -0.71 -3.08
N GLN A 221 18.20 -1.34 -3.73
CA GLN A 221 17.50 -0.69 -4.83
C GLN A 221 16.91 0.64 -4.41
N GLY A 222 17.03 1.63 -5.30
CA GLY A 222 16.46 2.92 -5.08
C GLY A 222 17.41 3.93 -4.48
N ILE A 223 18.51 3.50 -3.86
CA ILE A 223 19.50 4.46 -3.38
C ILE A 223 20.83 4.15 -4.04
N GLY A 224 21.87 4.90 -3.71
CA GLY A 224 23.16 4.67 -4.33
C GLY A 224 23.14 4.82 -5.84
N ALA A 225 22.80 6.01 -6.32
CA ALA A 225 22.64 6.18 -7.78
C ALA A 225 23.97 6.16 -8.52
N GLY A 226 25.10 6.30 -7.84
CA GLY A 226 26.38 6.31 -8.50
C GLY A 226 26.89 7.67 -8.90
N PHE A 227 26.20 8.72 -8.50
CA PHE A 227 26.60 10.11 -8.71
C PHE A 227 25.88 10.93 -7.65
N VAL A 228 26.33 12.17 -7.47
CA VAL A 228 25.67 13.13 -6.59
C VAL A 228 24.57 13.82 -7.40
N PRO A 229 23.31 13.58 -7.11
CA PRO A 229 22.24 14.19 -7.93
C PRO A 229 22.11 15.68 -7.68
N ASP A 230 21.67 16.40 -8.71
CA ASP A 230 21.40 17.83 -8.55
C ASP A 230 20.24 18.11 -7.59
N THR A 231 19.33 17.15 -7.42
CA THR A 231 18.24 17.29 -6.47
C THR A 231 18.66 17.02 -5.02
N PHE A 232 19.91 16.62 -4.76
CA PHE A 232 20.45 16.44 -3.41
C PHE A 232 21.19 17.70 -3.01
N ASP A 233 20.74 18.35 -1.93
CA ASP A 233 21.35 19.60 -1.44
C ASP A 233 22.20 19.28 -0.21
N ARG A 234 23.51 19.12 -0.43
CA ARG A 234 24.43 18.77 0.66
C ARG A 234 24.45 19.81 1.77
N SER A 235 24.06 21.06 1.48
CA SER A 235 24.14 22.11 2.49
C SER A 235 23.11 21.97 3.60
N VAL A 236 22.07 21.14 3.44
CA VAL A 236 21.12 20.88 4.51
C VAL A 236 21.32 19.50 5.13
N VAL A 237 22.37 18.78 4.72
CA VAL A 237 22.69 17.45 5.25
C VAL A 237 23.89 17.58 6.20
N ASP A 238 23.77 16.99 7.38
CA ASP A 238 24.82 17.15 8.41
C ASP A 238 25.78 15.96 8.51
N GLU A 239 25.43 14.81 7.95
CA GLU A 239 26.27 13.63 8.10
C GLU A 239 25.91 12.60 7.03
N ILE A 240 26.92 11.92 6.49
CA ILE A 240 26.74 10.83 5.54
C ILE A 240 27.06 9.51 6.25
N LEU A 241 26.14 8.56 6.19
CA LEU A 241 26.29 7.27 6.85
C LEU A 241 26.06 6.16 5.83
N SER A 242 26.97 5.20 5.77
CA SER A 242 26.83 4.09 4.84
C SER A 242 26.47 2.81 5.58
N VAL A 243 25.75 1.93 4.88
CA VAL A 243 25.35 0.63 5.39
C VAL A 243 25.74 -0.42 4.37
N THR A 244 26.03 -1.64 4.84
CA THR A 244 26.30 -2.74 3.93
C THR A 244 25.00 -3.28 3.33
N ASP A 245 25.13 -3.97 2.20
CA ASP A 245 23.96 -4.62 1.61
C ASP A 245 23.32 -5.60 2.59
N ASP A 246 24.14 -6.36 3.34
CA ASP A 246 23.58 -7.36 4.24
C ASP A 246 22.87 -6.73 5.44
N GLU A 247 23.44 -5.68 6.02
CA GLU A 247 22.73 -4.94 7.05
C GLU A 247 21.36 -4.49 6.59
N ALA A 248 21.28 -3.97 5.36
CA ALA A 248 20.04 -3.43 4.84
C ALA A 248 19.01 -4.54 4.67
N ILE A 249 19.43 -5.63 4.01
CA ILE A 249 18.55 -6.77 3.77
C ILE A 249 18.08 -7.36 5.10
N GLU A 250 19.00 -7.54 6.05
CA GLU A 250 18.63 -8.17 7.32
C GLU A 250 17.72 -7.25 8.13
N THR A 251 17.97 -5.94 8.12
CA THR A 251 17.12 -5.03 8.89
C THR A 251 15.72 -4.91 8.29
N ALA A 252 15.60 -4.95 6.95
CA ALA A 252 14.27 -5.02 6.33
C ALA A 252 13.52 -6.28 6.76
N ARG A 253 14.23 -7.42 6.81
CA ARG A 253 13.62 -8.65 7.32
C ARG A 253 13.20 -8.50 8.78
N LYS A 254 14.04 -7.88 9.61
CA LYS A 254 13.64 -7.72 11.01
C LYS A 254 12.50 -6.72 11.17
N LEU A 255 12.38 -5.71 10.30
CA LEU A 255 11.24 -4.79 10.38
C LEU A 255 9.92 -5.55 10.20
N ALA A 256 9.86 -6.49 9.26
CA ALA A 256 8.67 -7.30 9.12
C ALA A 256 8.50 -8.23 10.32
N MET A 257 9.55 -8.96 10.67
CA MET A 257 9.51 -10.00 11.70
C MET A 257 9.17 -9.43 13.08
N GLU A 258 9.83 -8.32 13.45
CA GLU A 258 9.77 -7.82 14.82
C GLU A 258 8.86 -6.62 15.01
N GLU A 259 8.45 -5.94 13.93
CA GLU A 259 7.56 -4.77 14.04
C GLU A 259 6.28 -4.91 13.25
N GLY A 260 6.14 -5.93 12.40
CA GLY A 260 4.97 -6.03 11.54
C GLY A 260 4.92 -5.01 10.42
N ILE A 261 6.08 -4.53 9.96
CA ILE A 261 6.20 -3.52 8.91
C ILE A 261 6.83 -4.18 7.69
N SER A 262 6.01 -4.50 6.68
CA SER A 262 6.50 -5.08 5.43
C SER A 262 7.09 -3.99 4.53
N CYS A 263 8.38 -4.09 4.24
CA CYS A 263 9.04 -3.00 3.53
C CYS A 263 10.23 -3.54 2.73
N GLY A 264 10.80 -2.69 1.89
CA GLY A 264 11.83 -3.09 0.95
C GLY A 264 13.25 -2.96 1.49
N ILE A 265 14.21 -3.22 0.59
CA ILE A 265 15.62 -3.31 1.01
C ILE A 265 16.14 -1.95 1.49
N SER A 266 15.84 -0.87 0.76
CA SER A 266 16.30 0.46 1.18
C SER A 266 15.61 0.93 2.46
N CYS A 267 14.45 0.36 2.80
CA CYS A 267 13.87 0.60 4.11
C CYS A 267 14.75 0.00 5.20
N GLY A 268 15.31 -1.19 4.95
CA GLY A 268 16.23 -1.77 5.92
C GLY A 268 17.48 -0.93 6.04
N ALA A 269 17.96 -0.39 4.91
CA ALA A 269 19.15 0.45 4.94
C ALA A 269 18.91 1.69 5.78
N ALA A 270 17.80 2.39 5.52
CA ALA A 270 17.51 3.61 6.27
C ALA A 270 17.37 3.32 7.75
N MET A 271 16.60 2.28 8.09
CA MET A 271 16.39 1.91 9.49
C MET A 271 17.69 1.46 10.15
N ALA A 272 18.54 0.74 9.42
CA ALA A 272 19.80 0.30 9.99
C ALA A 272 20.69 1.49 10.33
N GLY A 273 20.68 2.50 9.48
CA GLY A 273 21.34 3.75 9.81
C GLY A 273 20.69 4.45 10.98
N ALA A 274 19.37 4.60 10.93
CA ALA A 274 18.65 5.33 11.98
C ALA A 274 18.89 4.71 13.35
N LEU A 275 18.93 3.37 13.43
CA LEU A 275 19.09 2.74 14.73
C LEU A 275 20.49 2.92 15.28
N LYS A 276 21.50 3.04 14.41
CA LYS A 276 22.83 3.34 14.92
C LYS A 276 22.88 4.76 15.45
N VAL A 277 22.34 5.72 14.69
CA VAL A 277 22.30 7.09 15.17
C VAL A 277 21.54 7.16 16.48
N ALA A 278 20.42 6.44 16.58
CA ALA A 278 19.55 6.53 17.75
C ALA A 278 20.20 5.98 19.00
N ALA A 279 21.27 5.20 18.87
CA ALA A 279 21.97 4.66 20.03
C ALA A 279 23.00 5.63 20.60
N ARG A 280 23.21 6.81 19.99
CA ARG A 280 24.26 7.72 20.46
C ARG A 280 23.81 8.42 21.74
N PRO A 281 24.66 8.50 22.77
CA PRO A 281 24.23 9.13 24.04
C PRO A 281 23.68 10.53 23.89
N GLU A 282 24.20 11.33 22.96
CA GLU A 282 23.71 12.69 22.78
C GLU A 282 22.25 12.73 22.33
N PHE A 283 21.70 11.61 21.84
CA PHE A 283 20.31 11.59 21.42
C PHE A 283 19.42 10.84 22.42
N ALA A 284 19.93 10.55 23.62
CA ALA A 284 19.08 9.99 24.66
C ALA A 284 17.88 10.89 24.89
N GLY A 285 16.70 10.29 24.92
CA GLY A 285 15.49 11.06 25.11
C GLY A 285 15.03 11.88 23.93
N LYS A 286 15.74 11.83 22.80
CA LYS A 286 15.39 12.59 21.60
C LYS A 286 14.59 11.72 20.64
N THR A 287 14.07 12.36 19.59
CA THR A 287 13.24 11.68 18.59
C THR A 287 13.95 11.61 17.25
N ILE A 288 14.06 10.39 16.72
CA ILE A 288 14.70 10.11 15.43
C ILE A 288 13.62 9.68 14.46
N VAL A 289 13.48 10.41 13.35
CA VAL A 289 12.52 10.08 12.29
C VAL A 289 13.28 9.56 11.08
N THR A 290 12.80 8.45 10.50
CA THR A 290 13.36 7.95 9.25
C THR A 290 12.21 7.61 8.30
N VAL A 291 12.54 7.43 7.02
CA VAL A 291 11.56 7.15 5.98
C VAL A 291 11.77 5.74 5.46
N LEU A 292 10.68 4.99 5.34
CA LEU A 292 10.71 3.67 4.71
C LEU A 292 10.01 3.76 3.37
N PRO A 293 10.76 3.74 2.26
CA PRO A 293 10.20 4.19 0.97
C PRO A 293 9.08 3.33 0.36
N ASP A 294 9.04 2.01 0.53
CA ASP A 294 8.04 1.20 -0.18
C ASP A 294 7.76 -0.08 0.61
N ALA A 295 7.09 -1.04 -0.02
CA ALA A 295 6.53 -2.20 0.67
C ALA A 295 7.17 -3.51 0.20
N GLY A 296 7.08 -4.53 1.06
CA GLY A 296 7.82 -5.76 0.83
C GLY A 296 7.38 -6.58 -0.37
N GLU A 297 6.11 -6.51 -0.74
CA GLU A 297 5.61 -7.32 -1.85
C GLU A 297 6.22 -6.97 -3.18
N ARG A 298 6.77 -5.75 -3.31
CA ARG A 298 7.53 -5.34 -4.48
C ARG A 298 8.88 -6.03 -4.55
N TYR A 299 9.28 -6.80 -3.54
CA TYR A 299 10.61 -7.37 -3.44
C TYR A 299 10.61 -8.90 -3.39
N LEU A 300 9.47 -9.53 -3.68
CA LEU A 300 9.34 -10.99 -3.61
C LEU A 300 10.38 -11.71 -4.46
N SER A 301 10.78 -11.13 -5.61
CA SER A 301 11.74 -11.78 -6.49
C SER A 301 13.18 -11.39 -6.20
N THR A 302 13.44 -10.63 -5.13
CA THR A 302 14.75 -10.08 -4.85
C THR A 302 15.46 -10.85 -3.75
N ALA A 303 16.67 -10.39 -3.43
CA ALA A 303 17.44 -10.98 -2.34
C ALA A 303 16.75 -10.80 -1.00
N LEU A 304 15.80 -9.87 -0.89
CA LEU A 304 15.09 -9.68 0.38
C LEU A 304 14.40 -10.97 0.82
N PHE A 305 13.86 -11.73 -0.13
CA PHE A 305 13.04 -12.90 0.18
C PHE A 305 13.72 -14.24 -0.12
N GLU A 306 15.01 -14.23 -0.49
CA GLU A 306 15.63 -15.47 -0.95
C GLU A 306 15.69 -16.52 0.15
N ASN A 307 15.69 -16.12 1.43
CA ASN A 307 15.65 -17.06 2.54
C ASN A 307 14.28 -17.71 2.74
N LEU A 308 13.26 -17.30 1.98
CA LEU A 308 11.93 -17.90 2.08
C LEU A 308 11.53 -18.62 0.80
N ARG A 309 12.52 -19.03 0.00
CA ARG A 309 12.36 -19.62 -1.34
C ARG A 309 11.74 -18.61 -2.28
N MET B 1 -2.48 13.28 11.93
CA MET B 1 -2.44 11.95 12.52
C MET B 1 -1.53 11.89 13.74
N PRO B 2 -1.84 11.04 14.70
CA PRO B 2 -0.95 10.88 15.86
C PRO B 2 0.27 10.07 15.46
N ILE B 3 1.18 9.94 16.39
CA ILE B 3 2.20 8.90 16.33
C ILE B 3 1.55 7.59 16.75
N PHE B 4 1.67 6.57 15.90
CA PHE B 4 1.12 5.26 16.20
C PHE B 4 2.14 4.44 16.99
N LYS B 5 1.70 3.94 18.15
CA LYS B 5 2.64 3.28 19.06
C LYS B 5 3.10 1.94 18.51
N ASP B 6 2.30 1.31 17.65
CA ASP B 6 2.75 0.18 16.86
C ASP B 6 1.96 0.19 15.55
N ASN B 7 2.37 -0.68 14.60
CA ASN B 7 1.76 -0.57 13.27
C ASN B 7 0.28 -0.93 13.28
N SER B 8 -0.20 -1.70 14.27
CA SER B 8 -1.63 -2.04 14.26
C SER B 8 -2.52 -0.83 14.52
N GLU B 9 -2.02 0.18 15.25
CA GLU B 9 -2.83 1.37 15.46
C GLU B 9 -2.98 2.22 14.19
N SER B 10 -2.19 1.97 13.15
CA SER B 10 -2.20 2.83 11.99
C SER B 10 -3.26 2.43 10.95
N ILE B 11 -4.20 1.55 11.31
CA ILE B 11 -5.18 1.08 10.33
C ILE B 11 -6.09 2.20 9.83
N GLY B 12 -6.57 2.06 8.60
CA GLY B 12 -7.67 2.88 8.14
C GLY B 12 -7.25 4.26 7.68
N ARG B 13 -8.18 5.22 7.79
CA ARG B 13 -8.00 6.59 7.27
C ARG B 13 -7.65 6.56 5.78
N THR B 14 -8.31 5.66 5.03
CA THR B 14 -8.02 5.43 3.62
C THR B 14 -8.72 6.47 2.75
N PRO B 15 -8.14 6.80 1.60
CA PRO B 15 -8.71 7.87 0.75
C PRO B 15 -9.91 7.42 -0.07
N LEU B 16 -10.77 8.40 -0.35
CA LEU B 16 -11.87 8.26 -1.31
C LEU B 16 -11.45 8.94 -2.60
N VAL B 17 -11.48 8.21 -3.72
CA VAL B 17 -11.01 8.73 -4.99
C VAL B 17 -12.17 8.71 -5.97
N GLN B 18 -12.37 9.82 -6.66
CA GLN B 18 -13.40 9.88 -7.70
C GLN B 18 -12.95 9.12 -8.94
N ILE B 19 -13.86 8.33 -9.49
CA ILE B 19 -13.63 7.55 -10.70
C ILE B 19 -14.11 8.38 -11.89
N ASN B 20 -13.27 8.54 -12.91
CA ASN B 20 -13.57 9.54 -13.93
C ASN B 20 -13.83 8.95 -15.32
N ARG B 21 -12.97 8.06 -15.81
CA ARG B 21 -13.17 7.58 -17.17
C ARG B 21 -14.12 6.39 -17.25
N LEU B 22 -14.10 5.49 -16.27
CA LEU B 22 -15.06 4.40 -16.24
C LEU B 22 -16.50 4.90 -16.05
N THR B 23 -16.67 6.14 -15.58
CA THR B 23 -17.96 6.76 -15.38
C THR B 23 -18.32 7.78 -16.47
N ALA B 24 -17.49 7.93 -17.49
CA ALA B 24 -17.72 8.95 -18.52
C ALA B 24 -19.14 8.87 -19.05
N GLY B 25 -19.87 9.97 -18.91
CA GLY B 25 -21.21 10.04 -19.42
C GLY B 25 -22.31 9.61 -18.47
N LEU B 26 -21.97 9.19 -17.25
CA LEU B 26 -23.00 9.05 -16.22
C LEU B 26 -23.17 10.39 -15.53
N SER B 27 -24.37 10.64 -15.02
CA SER B 27 -24.63 11.85 -14.24
C SER B 27 -24.50 11.59 -12.74
N SER B 28 -24.28 10.36 -12.35
CA SER B 28 -24.00 10.06 -10.96
C SER B 28 -22.50 10.25 -10.71
N ARG B 29 -22.09 9.94 -9.49
CA ARG B 29 -20.71 10.16 -9.06
C ARG B 29 -20.26 8.91 -8.30
N VAL B 30 -19.18 8.29 -8.74
CA VAL B 30 -18.70 7.04 -8.17
C VAL B 30 -17.39 7.29 -7.44
N LEU B 31 -17.35 6.99 -6.15
CA LEU B 31 -16.18 7.23 -5.31
C LEU B 31 -15.63 5.91 -4.80
N ALA B 32 -14.32 5.73 -4.93
CA ALA B 32 -13.66 4.48 -4.59
C ALA B 32 -12.83 4.67 -3.32
N LYS B 33 -13.07 3.82 -2.32
CA LYS B 33 -12.32 3.87 -1.07
C LYS B 33 -11.17 2.85 -1.15
N ILE B 34 -9.94 3.32 -0.96
CA ILE B 34 -8.74 2.57 -1.35
C ILE B 34 -8.19 1.87 -0.10
N GLU B 35 -8.68 0.65 0.17
CA GLU B 35 -8.26 -0.09 1.36
C GLU B 35 -6.92 -0.79 1.17
N GLY B 36 -6.37 -0.76 -0.05
CA GLY B 36 -5.00 -1.19 -0.22
C GLY B 36 -4.01 -0.36 0.58
N ARG B 37 -4.42 0.84 1.00
CA ARG B 37 -3.52 1.72 1.74
C ARG B 37 -3.75 1.52 3.24
N ASN B 38 -3.25 0.39 3.69
CA ASN B 38 -3.38 -0.08 5.07
C ASN B 38 -2.04 -0.68 5.46
N PRO B 39 -1.80 -0.86 6.77
CA PRO B 39 -0.44 -1.22 7.23
C PRO B 39 0.12 -2.51 6.62
N ALA B 40 -0.73 -3.47 6.29
CA ALA B 40 -0.32 -4.62 5.50
C ALA B 40 -1.17 -4.74 4.24
N TYR B 41 -1.68 -3.59 3.78
CA TYR B 41 -2.10 -3.35 2.40
C TYR B 41 -3.40 -4.08 2.02
N SER B 42 -4.34 -4.21 2.96
CA SER B 42 -5.69 -4.62 2.60
C SER B 42 -6.67 -4.20 3.69
N VAL B 43 -7.96 -4.28 3.35
CA VAL B 43 -9.06 -3.95 4.27
C VAL B 43 -9.01 -4.80 5.55
N CYS B 45 -6.68 -5.53 7.42
CA CYS B 45 -5.87 -4.93 8.48
C CYS B 45 -6.74 -4.32 9.57
N ARG B 46 -7.88 -3.74 9.17
CA ARG B 46 -8.78 -3.16 10.15
C ARG B 46 -9.27 -4.21 11.13
N ILE B 47 -9.65 -5.39 10.63
CA ILE B 47 -10.23 -6.41 11.51
C ILE B 47 -9.16 -7.29 12.13
N GLY B 48 -7.98 -7.39 11.53
CA GLY B 48 -6.90 -8.08 12.20
C GLY B 48 -6.49 -7.35 13.46
N ALA B 49 -6.33 -6.04 13.37
CA ALA B 49 -6.10 -5.21 14.54
C ALA B 49 -7.27 -5.30 15.53
N ALA B 50 -8.50 -5.14 15.04
CA ALA B 50 -9.63 -4.97 15.94
C ALA B 50 -9.92 -6.22 16.74
N MET B 51 -9.84 -7.39 16.10
CA MET B 51 -10.14 -8.63 16.79
C MET B 51 -9.09 -8.94 17.86
N ILE B 52 -7.83 -8.60 17.59
CA ILE B 52 -6.78 -8.79 18.59
C ILE B 52 -6.99 -7.83 19.77
N TRP B 53 -7.25 -6.55 19.49
CA TRP B 53 -7.52 -5.59 20.56
C TRP B 53 -8.73 -6.04 21.39
N ASP B 54 -9.77 -6.51 20.73
CA ASP B 54 -10.98 -6.92 21.44
C ASP B 54 -10.69 -8.12 22.33
N ALA B 55 -9.91 -9.07 21.84
CA ALA B 55 -9.55 -10.23 22.64
C ALA B 55 -8.68 -9.86 23.82
N GLU B 56 -7.83 -8.82 23.67
CA GLU B 56 -7.02 -8.35 24.80
C GLU B 56 -7.90 -7.75 25.88
N GLN B 57 -8.82 -6.84 25.50
CA GLN B 57 -9.71 -6.20 26.45
C GLN B 57 -10.60 -7.21 27.16
N SER B 58 -11.00 -8.29 26.48
CA SER B 58 -11.89 -9.30 27.08
C SER B 58 -11.16 -10.37 27.87
N GLY B 59 -9.85 -10.47 27.74
CA GLY B 59 -9.13 -11.53 28.41
C GLY B 59 -9.08 -12.84 27.65
N LYS B 60 -9.73 -12.93 26.49
CA LYS B 60 -9.62 -14.14 25.68
C LYS B 60 -8.23 -14.29 25.09
N LEU B 61 -7.47 -13.21 25.05
CA LEU B 61 -6.11 -13.26 24.52
C LEU B 61 -5.22 -12.60 25.55
N LYS B 62 -4.17 -13.32 25.97
CA LYS B 62 -3.23 -12.85 26.97
C LYS B 62 -1.80 -13.01 26.48
N PRO B 63 -0.87 -12.22 27.02
CA PRO B 63 0.53 -12.37 26.59
C PRO B 63 0.99 -13.82 26.74
N GLY B 64 1.73 -14.30 25.74
CA GLY B 64 2.18 -15.66 25.71
C GLY B 64 1.26 -16.64 25.04
N MET B 65 0.01 -16.26 24.76
CA MET B 65 -0.91 -17.18 24.10
C MET B 65 -0.61 -17.26 22.60
N HIS B 66 -1.16 -18.30 21.97
CA HIS B 66 -0.91 -18.59 20.57
C HIS B 66 -2.18 -18.27 19.79
N VAL B 67 -2.05 -17.47 18.73
CA VAL B 67 -3.19 -17.11 17.90
C VAL B 67 -3.28 -18.12 16.77
N VAL B 68 -4.50 -18.54 16.43
CA VAL B 68 -4.69 -19.43 15.28
C VAL B 68 -5.92 -18.96 14.49
N GLU B 69 -5.80 -18.95 13.16
CA GLU B 69 -6.96 -18.60 12.32
C GLU B 69 -6.88 -19.26 10.95
N PRO B 70 -8.03 -19.68 10.38
CA PRO B 70 -8.04 -20.12 8.99
C PRO B 70 -8.17 -18.94 8.02
N THR B 71 -7.40 -19.00 6.95
CA THR B 71 -7.42 -17.90 5.99
C THR B 71 -7.11 -18.39 4.59
N SER B 72 -7.68 -17.71 3.60
CA SER B 72 -7.29 -17.91 2.22
C SER B 72 -6.66 -16.68 1.61
N GLY B 73 -6.33 -15.68 2.42
CA GLY B 73 -5.63 -14.55 1.87
C GLY B 73 -5.36 -13.45 2.87
N ASN B 74 -6.16 -12.40 2.81
CA ASN B 74 -5.78 -11.16 3.46
C ASN B 74 -5.93 -11.21 4.98
N THR B 75 -6.85 -12.00 5.51
CA THR B 75 -6.97 -12.05 6.98
C THR B 75 -5.72 -12.62 7.61
N GLY B 76 -5.11 -13.63 6.99
CA GLY B 76 -3.83 -14.14 7.47
C GLY B 76 -2.75 -13.07 7.49
N ILE B 77 -2.65 -12.30 6.40
CA ILE B 77 -1.66 -11.24 6.31
C ILE B 77 -1.91 -10.20 7.40
N ALA B 78 -3.17 -9.77 7.57
CA ALA B 78 -3.50 -8.81 8.61
C ALA B 78 -3.14 -9.34 10.00
N LEU B 79 -3.59 -10.56 10.33
CA LEU B 79 -3.23 -11.11 11.63
C LEU B 79 -1.72 -11.25 11.77
N ALA B 80 -1.03 -11.59 10.68
CA ALA B 80 0.41 -11.78 10.76
C ALA B 80 1.13 -10.50 11.15
N PHE B 81 0.77 -9.37 10.53
CA PHE B 81 1.49 -8.15 10.88
C PHE B 81 1.08 -7.66 12.27
N VAL B 82 -0.17 -7.86 12.65
CA VAL B 82 -0.62 -7.47 13.99
C VAL B 82 0.10 -8.30 15.06
N CYS B 83 0.15 -9.62 14.88
CA CYS B 83 0.84 -10.46 15.86
C CYS B 83 2.33 -10.17 15.92
N ALA B 84 2.96 -9.81 14.79
CA ALA B 84 4.36 -9.37 14.83
C ALA B 84 4.49 -8.03 15.55
N ALA B 85 3.58 -7.10 15.27
CA ALA B 85 3.62 -5.79 15.92
C ALA B 85 3.38 -5.89 17.41
N ARG B 86 2.54 -6.83 17.84
CA ARG B 86 2.10 -6.88 19.23
C ARG B 86 2.70 -8.03 20.01
N GLY B 87 3.37 -8.96 19.35
CA GLY B 87 4.17 -9.93 20.06
C GLY B 87 3.50 -11.25 20.37
N TYR B 88 2.59 -11.71 19.51
CA TYR B 88 1.93 -13.00 19.71
C TYR B 88 2.46 -14.03 18.72
N LYS B 89 2.63 -15.26 19.20
CA LYS B 89 2.76 -16.41 18.34
C LYS B 89 1.52 -16.55 17.46
N LEU B 90 1.73 -16.82 16.17
CA LEU B 90 0.61 -16.95 15.24
C LEU B 90 0.76 -18.20 14.38
N THR B 91 -0.31 -18.97 14.26
CA THR B 91 -0.39 -20.08 13.32
C THR B 91 -1.63 -19.90 12.45
N LEU B 92 -1.46 -20.04 11.13
CA LEU B 92 -2.55 -19.91 10.18
C LEU B 92 -2.75 -21.24 9.46
N THR B 93 -4.00 -21.65 9.32
CA THR B 93 -4.37 -22.79 8.49
C THR B 93 -4.84 -22.24 7.15
N MET B 94 -4.53 -22.97 6.08
CA MET B 94 -4.97 -22.53 4.76
C MET B 94 -4.92 -23.72 3.81
N PRO B 95 -5.76 -23.74 2.77
CA PRO B 95 -5.65 -24.79 1.77
C PRO B 95 -4.32 -24.72 1.05
N GLU B 96 -3.80 -25.90 0.67
CA GLU B 96 -2.51 -25.97 -0.03
C GLU B 96 -2.53 -25.27 -1.38
N THR B 97 -3.70 -24.82 -1.83
CA THR B 97 -3.79 -24.05 -3.06
C THR B 97 -3.28 -22.62 -2.90
N MET B 98 -3.05 -22.17 -1.66
CA MET B 98 -2.46 -20.86 -1.40
C MET B 98 -1.16 -20.68 -2.16
N SER B 99 -1.06 -19.60 -2.93
CA SER B 99 0.09 -19.37 -3.80
C SER B 99 1.38 -19.21 -2.97
N ILE B 100 2.50 -19.48 -3.63
CA ILE B 100 3.80 -19.39 -2.97
C ILE B 100 4.08 -17.96 -2.49
N GLU B 101 3.67 -16.96 -3.29
CA GLU B 101 3.83 -15.57 -2.89
C GLU B 101 3.09 -15.25 -1.61
N ARG B 102 1.86 -15.77 -1.44
CA ARG B 102 1.12 -15.56 -0.20
C ARG B 102 1.85 -16.17 0.98
N ARG B 103 2.27 -17.43 0.83
CA ARG B 103 3.05 -18.09 1.87
C ARG B 103 4.24 -17.24 2.30
N MET B 104 5.01 -16.75 1.33
CA MET B 104 6.20 -15.98 1.65
C MET B 104 5.86 -14.72 2.44
N MET B 105 4.81 -14.01 2.03
CA MET B 105 4.36 -12.84 2.80
C MET B 105 4.05 -13.22 4.25
N LEU B 106 3.31 -14.32 4.45
CA LEU B 106 2.98 -14.73 5.81
C LEU B 106 4.23 -15.13 6.59
N LYS B 107 5.17 -15.80 5.93
CA LYS B 107 6.40 -16.22 6.61
C LYS B 107 7.27 -15.02 6.98
N SER B 108 7.23 -13.94 6.18
CA SER B 108 8.08 -12.78 6.46
C SER B 108 7.71 -12.14 7.78
N PHE B 109 6.45 -12.29 8.20
CA PHE B 109 5.98 -11.86 9.51
C PHE B 109 6.18 -12.91 10.60
N GLY B 110 6.81 -14.05 10.28
CA GLY B 110 7.02 -15.07 11.29
C GLY B 110 5.82 -15.92 11.67
N ALA B 111 4.76 -15.93 10.87
CA ALA B 111 3.66 -16.84 11.15
C ALA B 111 3.99 -18.28 10.76
N ASP B 112 3.43 -19.23 11.52
CA ASP B 112 3.49 -20.64 11.16
C ASP B 112 2.31 -21.00 10.26
N LEU B 113 2.59 -21.76 9.21
CA LEU B 113 1.59 -22.14 8.21
C LEU B 113 1.28 -23.62 8.34
N VAL B 114 -0.02 -23.95 8.40
CA VAL B 114 -0.49 -25.33 8.40
C VAL B 114 -1.38 -25.49 7.17
N LEU B 115 -1.01 -26.41 6.28
CA LEU B 115 -1.68 -26.55 5.00
C LEU B 115 -2.77 -27.62 5.09
N THR B 116 -3.94 -27.31 4.53
CA THR B 116 -5.07 -28.23 4.55
C THR B 116 -5.42 -28.64 3.14
N PRO B 117 -6.14 -29.75 2.95
CA PRO B 117 -6.39 -30.25 1.60
C PRO B 117 -7.03 -29.21 0.68
N GLY B 118 -6.42 -29.02 -0.49
CA GLY B 118 -6.84 -27.95 -1.38
C GLY B 118 -8.28 -28.04 -1.84
N ALA B 119 -8.77 -29.26 -2.06
CA ALA B 119 -10.13 -29.42 -2.57
C ALA B 119 -11.19 -29.18 -1.50
N ASP B 120 -10.82 -29.25 -0.22
CA ASP B 120 -11.74 -28.96 0.88
C ASP B 120 -11.87 -27.46 1.18
N GLY B 121 -11.01 -26.61 0.61
CA GLY B 121 -11.25 -25.18 0.59
C GLY B 121 -11.17 -24.53 1.96
N MET B 122 -11.95 -23.45 2.13
CA MET B 122 -11.95 -22.74 3.40
C MET B 122 -12.47 -23.62 4.53
N LYS B 123 -13.47 -24.47 4.26
CA LYS B 123 -14.06 -25.26 5.32
C LYS B 123 -13.03 -26.23 5.90
N GLY B 124 -12.18 -26.82 5.06
CA GLY B 124 -11.10 -27.64 5.56
C GLY B 124 -10.07 -26.85 6.35
N ALA B 125 -9.88 -25.59 6.01
CA ALA B 125 -9.01 -24.74 6.82
C ALA B 125 -9.68 -24.42 8.17
N ILE B 126 -10.97 -24.04 8.14
CA ILE B 126 -11.71 -23.73 9.35
C ILE B 126 -11.67 -24.89 10.34
N SER B 127 -11.78 -26.13 9.85
CA SER B 127 -11.83 -27.27 10.76
C SER B 127 -10.49 -27.51 11.44
N LYS B 128 -9.39 -27.46 10.68
CA LYS B 128 -8.08 -27.67 11.28
C LYS B 128 -7.77 -26.57 12.28
N ALA B 129 -8.18 -25.34 12.00
CA ALA B 129 -7.96 -24.23 12.93
C ALA B 129 -8.77 -24.41 14.20
N GLU B 130 -10.02 -24.86 14.08
CA GLU B 130 -10.82 -25.14 15.26
C GLU B 130 -10.20 -26.22 16.11
N GLU B 131 -9.69 -27.27 15.45
CA GLU B 131 -8.93 -28.30 16.14
C GLU B 131 -7.81 -27.67 16.96
N LEU B 132 -6.92 -26.92 16.29
CA LEU B 132 -5.77 -26.32 16.96
C LEU B 132 -6.19 -25.39 18.09
N ALA B 133 -7.31 -24.68 17.93
CA ALA B 133 -7.74 -23.69 18.91
C ALA B 133 -8.31 -24.32 20.16
N ALA B 134 -8.66 -25.60 20.12
CA ALA B 134 -9.13 -26.28 21.33
C ALA B 134 -8.06 -26.28 22.41
N GLN B 135 -6.78 -26.37 22.01
CA GLN B 135 -5.69 -26.43 22.97
C GLN B 135 -5.75 -25.25 23.94
N PRO B 136 -5.67 -25.48 25.25
CA PRO B 136 -5.49 -24.38 26.19
C PRO B 136 -4.29 -23.53 25.78
N GLY B 137 -4.41 -22.23 25.98
CA GLY B 137 -3.36 -21.31 25.58
C GLY B 137 -3.43 -20.85 24.13
N TRP B 138 -4.42 -21.30 23.37
CA TRP B 138 -4.63 -20.92 21.98
C TRP B 138 -5.91 -20.13 21.85
N PHE B 139 -5.90 -19.12 20.97
CA PHE B 139 -7.06 -18.27 20.74
C PHE B 139 -7.36 -18.17 19.26
N ILE B 140 -8.64 -18.24 18.89
CA ILE B 140 -9.08 -18.16 17.50
C ILE B 140 -9.99 -16.94 17.31
N PRO B 141 -9.60 -15.97 16.49
CA PRO B 141 -10.45 -14.77 16.29
C PRO B 141 -11.81 -15.09 15.70
N GLN B 142 -11.87 -15.99 14.72
CA GLN B 142 -13.09 -16.40 14.02
C GLN B 142 -13.65 -15.23 13.21
N GLN B 143 -13.03 -14.96 12.06
CA GLN B 143 -13.39 -13.78 11.28
C GLN B 143 -14.83 -13.81 10.75
N PHE B 144 -15.45 -14.99 10.65
CA PHE B 144 -16.81 -15.07 10.12
C PHE B 144 -17.88 -14.97 11.20
N LYS B 145 -17.48 -14.88 12.48
CA LYS B 145 -18.43 -14.88 13.61
C LYS B 145 -18.21 -13.71 14.55
N ASN B 146 -16.98 -13.21 14.61
CA ASN B 146 -16.57 -12.26 15.64
C ASN B 146 -17.23 -10.90 15.41
N PRO B 147 -18.03 -10.39 16.35
CA PRO B 147 -18.67 -9.07 16.14
C PRO B 147 -17.67 -7.91 16.12
N ALA B 148 -16.45 -8.12 16.62
CA ALA B 148 -15.43 -7.08 16.53
C ALA B 148 -15.08 -6.76 15.09
N ASN B 149 -15.43 -7.66 14.14
CA ASN B 149 -15.16 -7.48 12.72
C ASN B 149 -16.09 -6.37 12.17
N PRO B 150 -17.41 -6.52 12.11
CA PRO B 150 -18.22 -5.36 11.66
C PRO B 150 -18.10 -4.14 12.56
N ALA B 151 -17.83 -4.33 13.86
CA ALA B 151 -17.71 -3.17 14.76
C ALA B 151 -16.58 -2.22 14.36
N ILE B 152 -15.45 -2.75 13.89
CA ILE B 152 -14.40 -1.81 13.53
C ILE B 152 -14.83 -0.99 12.32
N HIS B 153 -15.68 -1.56 11.46
CA HIS B 153 -16.20 -0.81 10.33
C HIS B 153 -17.24 0.22 10.75
N VAL B 154 -18.04 -0.09 11.78
CA VAL B 154 -18.92 0.92 12.37
C VAL B 154 -18.10 2.08 12.92
N LYS B 155 -16.92 1.79 13.45
CA LYS B 155 -16.13 2.79 14.16
C LYS B 155 -15.19 3.56 13.25
N THR B 156 -14.71 2.95 12.17
CA THR B 156 -13.71 3.60 11.32
C THR B 156 -14.20 3.77 9.90
N THR B 157 -14.49 2.67 9.19
CA THR B 157 -14.80 2.75 7.77
C THR B 157 -16.05 3.58 7.49
N GLY B 158 -17.14 3.32 8.22
CA GLY B 158 -18.35 4.10 8.12
C GLY B 158 -18.12 5.58 8.32
N PRO B 159 -17.59 5.96 9.48
CA PRO B 159 -17.31 7.38 9.74
C PRO B 159 -16.38 8.04 8.72
N GLU B 160 -15.34 7.33 8.25
CA GLU B 160 -14.47 7.89 7.21
C GLU B 160 -15.25 8.24 5.96
N ILE B 161 -16.15 7.36 5.52
CA ILE B 161 -16.97 7.62 4.34
C ILE B 161 -17.89 8.81 4.58
N TRP B 162 -18.62 8.76 5.70
CA TRP B 162 -19.52 9.85 6.06
C TRP B 162 -18.77 11.20 6.11
N ASN B 163 -17.58 11.22 6.72
CA ASN B 163 -16.91 12.50 6.90
C ASN B 163 -16.30 13.01 5.61
N ASP B 164 -15.70 12.14 4.81
CA ASP B 164 -15.05 12.61 3.60
C ASP B 164 -16.06 13.06 2.55
N THR B 165 -17.25 12.43 2.50
CA THR B 165 -18.30 12.87 1.58
C THR B 165 -19.17 13.98 2.16
N GLU B 166 -18.95 14.39 3.40
CA GLU B 166 -19.81 15.36 4.08
C GLU B 166 -21.28 14.95 3.94
N GLY B 167 -21.56 13.70 4.30
CA GLY B 167 -22.91 13.19 4.34
C GLY B 167 -23.56 12.94 2.99
N GLN B 168 -22.76 12.81 1.94
CA GLN B 168 -23.26 12.64 0.57
C GLN B 168 -22.91 11.22 0.13
N VAL B 169 -23.73 10.27 0.53
CA VAL B 169 -23.56 8.89 0.09
C VAL B 169 -24.93 8.28 -0.03
N ASP B 170 -25.37 8.07 -1.28
CA ASP B 170 -26.71 7.58 -1.54
C ASP B 170 -26.73 6.09 -1.82
N VAL B 171 -25.60 5.50 -2.18
CA VAL B 171 -25.49 4.09 -2.51
C VAL B 171 -24.18 3.60 -1.94
N PHE B 172 -24.20 2.44 -1.27
CA PHE B 172 -22.97 1.78 -0.83
C PHE B 172 -22.95 0.40 -1.45
N VAL B 173 -21.87 0.09 -2.17
CA VAL B 173 -21.69 -1.15 -2.89
C VAL B 173 -20.40 -1.80 -2.39
N ALA B 174 -20.49 -3.04 -1.90
CA ALA B 174 -19.30 -3.70 -1.38
C ALA B 174 -19.36 -5.20 -1.62
N GLY B 175 -18.23 -5.76 -2.05
CA GLY B 175 -18.11 -7.21 -2.10
C GLY B 175 -18.16 -7.81 -0.70
N VAL B 176 -18.68 -9.04 -0.62
CA VAL B 176 -18.89 -9.73 0.66
C VAL B 176 -18.00 -10.96 0.72
N GLY B 177 -17.08 -10.96 1.68
CA GLY B 177 -16.33 -12.14 2.07
C GLY B 177 -16.80 -12.62 3.43
N THR B 178 -16.37 -11.93 4.49
CA THR B 178 -17.00 -12.12 5.79
C THR B 178 -18.29 -11.32 5.92
N GLY B 179 -18.46 -10.29 5.09
CA GLY B 179 -19.60 -9.41 5.22
C GLY B 179 -19.44 -8.31 6.23
N GLY B 180 -18.32 -8.26 6.95
CA GLY B 180 -18.18 -7.26 8.00
C GLY B 180 -18.13 -5.84 7.47
N THR B 181 -17.48 -5.63 6.32
CA THR B 181 -17.41 -4.29 5.74
C THR B 181 -18.81 -3.75 5.47
N ILE B 182 -19.61 -4.51 4.75
CA ILE B 182 -20.94 -4.02 4.37
C ILE B 182 -21.85 -3.93 5.61
N THR B 183 -21.78 -4.93 6.49
CA THR B 183 -22.60 -4.92 7.71
C THR B 183 -22.28 -3.69 8.56
N GLY B 184 -20.98 -3.43 8.78
CA GLY B 184 -20.60 -2.31 9.64
C GLY B 184 -20.88 -0.94 9.03
N VAL B 185 -20.53 -0.77 7.76
CA VAL B 185 -20.81 0.52 7.12
C VAL B 185 -22.31 0.77 7.04
N ALA B 186 -23.08 -0.28 6.72
CA ALA B 186 -24.53 -0.10 6.57
C ALA B 186 -25.20 0.16 7.92
N ARG B 187 -24.80 -0.58 8.96
CA ARG B 187 -25.30 -0.29 10.30
C ARG B 187 -25.00 1.13 10.71
N PHE B 188 -23.78 1.61 10.42
CA PHE B 188 -23.42 2.97 10.81
C PHE B 188 -24.30 3.98 10.10
N LEU B 189 -24.41 3.87 8.78
CA LEU B 189 -25.18 4.86 8.03
C LEU B 189 -26.67 4.77 8.34
N LYS B 190 -27.23 3.56 8.41
CA LYS B 190 -28.66 3.44 8.63
C LYS B 190 -29.04 3.61 10.09
N HIS B 191 -28.42 2.82 10.99
CA HIS B 191 -28.86 2.79 12.37
C HIS B 191 -28.34 3.96 13.20
N GLU B 192 -27.17 4.48 12.87
CA GLU B 192 -26.61 5.54 13.70
C GLU B 192 -26.74 6.92 13.10
N LYS B 193 -26.58 7.09 11.80
CA LYS B 193 -26.80 8.38 11.16
C LYS B 193 -28.20 8.53 10.58
N LYS B 194 -29.00 7.46 10.64
CA LYS B 194 -30.39 7.51 10.21
C LYS B 194 -30.51 8.03 8.77
N HIS B 195 -29.54 7.60 7.93
CA HIS B 195 -29.39 8.12 6.58
C HIS B 195 -29.94 7.13 5.56
N PRO B 196 -30.77 7.57 4.61
CA PRO B 196 -31.26 6.65 3.58
C PRO B 196 -30.16 6.31 2.57
N VAL B 197 -29.78 5.04 2.51
CA VAL B 197 -28.70 4.55 1.66
C VAL B 197 -29.15 3.26 1.02
N HIS B 198 -29.06 3.17 -0.30
CA HIS B 198 -29.27 1.89 -0.96
C HIS B 198 -27.98 1.07 -0.85
N VAL B 199 -28.07 -0.06 -0.16
CA VAL B 199 -26.89 -0.86 0.19
C VAL B 199 -26.87 -2.11 -0.67
N VAL B 200 -25.77 -2.30 -1.40
CA VAL B 200 -25.66 -3.34 -2.43
C VAL B 200 -24.53 -4.30 -2.07
N ALA B 201 -24.88 -5.58 -1.89
CA ALA B 201 -23.91 -6.64 -1.65
C ALA B 201 -23.52 -7.27 -2.98
N VAL B 202 -22.21 -7.38 -3.23
CA VAL B 202 -21.71 -7.98 -4.46
C VAL B 202 -21.11 -9.34 -4.16
N GLU B 203 -21.49 -10.33 -4.96
CA GLU B 203 -21.01 -11.69 -4.83
C GLU B 203 -20.76 -12.25 -6.22
N PRO B 204 -19.97 -13.32 -6.33
CA PRO B 204 -19.69 -13.88 -7.66
C PRO B 204 -20.92 -14.56 -8.24
N ALA B 205 -21.17 -14.30 -9.53
CA ALA B 205 -22.26 -14.99 -10.23
C ALA B 205 -22.08 -16.49 -10.17
N ALA B 206 -20.84 -16.96 -10.12
CA ALA B 206 -20.52 -18.38 -10.09
C ALA B 206 -20.63 -19.00 -8.70
N SER B 207 -20.94 -18.21 -7.68
CA SER B 207 -21.10 -18.71 -6.31
C SER B 207 -22.10 -17.82 -5.58
N PRO B 208 -23.39 -17.72 -6.08
CA PRO B 208 -24.34 -16.73 -5.55
C PRO B 208 -25.04 -17.22 -4.29
N VAL B 209 -24.25 -17.56 -3.28
CA VAL B 209 -24.78 -18.15 -2.06
C VAL B 209 -25.64 -17.16 -1.28
N LEU B 210 -25.27 -15.88 -1.28
CA LEU B 210 -26.11 -14.89 -0.60
C LEU B 210 -27.52 -14.88 -1.18
N ALA B 211 -27.63 -15.00 -2.49
CA ALA B 211 -28.93 -15.02 -3.15
C ALA B 211 -29.60 -16.39 -3.07
N GLY B 212 -29.03 -17.33 -2.33
CA GLY B 212 -29.62 -18.65 -2.17
C GLY B 212 -29.31 -19.65 -3.27
N GLY B 213 -28.28 -19.40 -4.08
CA GLY B 213 -27.89 -20.33 -5.11
C GLY B 213 -26.81 -21.26 -4.59
N PRO B 214 -26.38 -22.22 -5.42
CA PRO B 214 -25.38 -23.18 -4.96
C PRO B 214 -23.99 -22.58 -4.95
N ALA B 215 -23.19 -22.99 -3.97
CA ALA B 215 -21.78 -22.63 -3.96
C ALA B 215 -21.13 -23.16 -5.21
N GLY B 216 -20.16 -22.41 -5.74
CA GLY B 216 -19.38 -22.85 -6.87
C GLY B 216 -18.02 -22.21 -6.84
N ARG B 217 -17.09 -22.78 -7.61
CA ARG B 217 -15.73 -22.27 -7.61
C ARG B 217 -15.63 -21.07 -8.55
N HIS B 218 -14.73 -20.16 -8.20
CA HIS B 218 -14.63 -18.87 -8.88
C HIS B 218 -13.26 -18.29 -8.55
N LYS B 219 -12.88 -17.24 -9.28
CA LYS B 219 -11.54 -16.69 -9.13
C LYS B 219 -11.53 -15.33 -8.44
N ILE B 220 -12.65 -14.90 -7.86
CA ILE B 220 -12.71 -13.55 -7.26
C ILE B 220 -12.34 -13.71 -5.79
N GLN B 221 -11.02 -13.85 -5.54
CA GLN B 221 -10.53 -14.13 -4.21
C GLN B 221 -10.94 -13.04 -3.21
N GLY B 222 -11.19 -13.45 -1.98
CA GLY B 222 -11.65 -12.57 -0.95
C GLY B 222 -13.15 -12.49 -0.79
N ILE B 223 -13.92 -12.86 -1.81
CA ILE B 223 -15.38 -12.89 -1.71
C ILE B 223 -15.87 -14.25 -2.16
N GLY B 224 -17.20 -14.43 -2.15
CA GLY B 224 -17.78 -15.71 -2.45
C GLY B 224 -17.24 -16.84 -1.57
N ALA B 225 -17.45 -16.74 -0.26
CA ALA B 225 -16.88 -17.73 0.64
C ALA B 225 -17.48 -19.13 0.47
N GLY B 226 -18.63 -19.27 -0.19
CA GLY B 226 -19.24 -20.58 -0.28
C GLY B 226 -20.26 -20.90 0.80
N PHE B 227 -20.43 -20.00 1.78
CA PHE B 227 -21.47 -20.08 2.79
C PHE B 227 -21.83 -18.64 3.15
N VAL B 228 -22.89 -18.47 3.94
CA VAL B 228 -23.31 -17.17 4.42
C VAL B 228 -22.68 -16.96 5.80
N PRO B 229 -21.81 -15.96 5.97
CA PRO B 229 -21.16 -15.75 7.27
C PRO B 229 -22.10 -15.13 8.29
N ASP B 230 -21.87 -15.47 9.56
CA ASP B 230 -22.65 -14.86 10.64
C ASP B 230 -22.43 -13.35 10.68
N THR B 231 -21.29 -12.87 10.22
CA THR B 231 -20.97 -11.45 10.25
C THR B 231 -21.63 -10.68 9.09
N PHE B 232 -22.43 -11.35 8.27
CA PHE B 232 -23.22 -10.70 7.21
C PHE B 232 -24.67 -10.50 7.70
N ASP B 233 -25.05 -9.24 7.88
CA ASP B 233 -26.37 -8.86 8.42
C ASP B 233 -27.31 -8.55 7.25
N ARG B 234 -28.19 -9.51 6.91
CA ARG B 234 -29.08 -9.32 5.76
C ARG B 234 -30.05 -8.15 5.96
N SER B 235 -30.39 -7.84 7.22
CA SER B 235 -31.36 -6.78 7.47
C SER B 235 -30.87 -5.38 7.08
N VAL B 236 -29.57 -5.18 6.88
CA VAL B 236 -29.10 -3.85 6.45
C VAL B 236 -28.71 -3.81 4.99
N VAL B 237 -28.91 -4.89 4.25
CA VAL B 237 -28.56 -4.95 2.84
C VAL B 237 -29.83 -4.86 2.01
N ASP B 238 -29.83 -3.99 0.99
CA ASP B 238 -31.03 -3.79 0.19
C ASP B 238 -31.04 -4.59 -1.10
N GLU B 239 -29.88 -5.04 -1.56
CA GLU B 239 -29.83 -5.66 -2.88
C GLU B 239 -28.60 -6.57 -2.94
N ILE B 240 -28.78 -7.72 -3.58
CA ILE B 240 -27.69 -8.66 -3.87
C ILE B 240 -27.46 -8.62 -5.37
N LEU B 241 -26.21 -8.45 -5.78
CA LEU B 241 -25.85 -8.33 -7.19
C LEU B 241 -24.72 -9.30 -7.49
N SER B 242 -24.86 -10.08 -8.55
CA SER B 242 -23.85 -11.02 -9.00
C SER B 242 -23.00 -10.41 -10.09
N VAL B 243 -21.72 -10.78 -10.14
CA VAL B 243 -20.83 -10.41 -11.23
C VAL B 243 -19.96 -11.60 -11.59
N THR B 244 -19.64 -11.72 -12.88
CA THR B 244 -18.88 -12.83 -13.42
C THR B 244 -17.40 -12.65 -13.14
N ASP B 245 -16.67 -13.76 -13.12
CA ASP B 245 -15.22 -13.68 -12.97
C ASP B 245 -14.63 -12.79 -14.07
N ASP B 246 -15.16 -12.87 -15.28
CA ASP B 246 -14.66 -12.09 -16.40
C ASP B 246 -14.87 -10.58 -16.19
N GLU B 247 -16.08 -10.20 -15.77
CA GLU B 247 -16.35 -8.81 -15.42
C GLU B 247 -15.34 -8.29 -14.41
N ALA B 248 -15.14 -9.04 -13.32
CA ALA B 248 -14.28 -8.59 -12.24
C ALA B 248 -12.84 -8.40 -12.71
N ILE B 249 -12.29 -9.42 -13.37
CA ILE B 249 -10.90 -9.35 -13.83
C ILE B 249 -10.71 -8.18 -14.78
N GLU B 250 -11.63 -8.03 -15.74
CA GLU B 250 -11.50 -6.96 -16.73
C GLU B 250 -11.66 -5.59 -16.09
N THR B 251 -12.61 -5.45 -15.16
CA THR B 251 -12.80 -4.15 -14.52
C THR B 251 -11.63 -3.78 -13.63
N ALA B 252 -10.98 -4.78 -13.00
CA ALA B 252 -9.77 -4.49 -12.25
C ALA B 252 -8.65 -4.03 -13.19
N ARG B 253 -8.58 -4.61 -14.40
CA ARG B 253 -7.60 -4.14 -15.36
C ARG B 253 -7.89 -2.72 -15.80
N LYS B 254 -9.18 -2.39 -15.95
CA LYS B 254 -9.57 -1.05 -16.39
C LYS B 254 -9.35 -0.01 -15.31
N LEU B 255 -9.44 -0.40 -14.02
CA LEU B 255 -9.14 0.56 -12.97
C LEU B 255 -7.68 0.96 -12.98
N ALA B 256 -6.78 0.00 -13.18
CA ALA B 256 -5.36 0.34 -13.31
C ALA B 256 -5.13 1.19 -14.56
N MET B 257 -5.68 0.75 -15.69
CA MET B 257 -5.40 1.34 -17.00
C MET B 257 -6.02 2.71 -17.16
N GLU B 258 -7.29 2.86 -16.78
CA GLU B 258 -8.05 4.07 -17.06
C GLU B 258 -8.15 5.01 -15.85
N GLU B 259 -7.73 4.57 -14.67
CA GLU B 259 -7.79 5.40 -13.48
C GLU B 259 -6.48 5.46 -12.70
N GLY B 260 -5.50 4.63 -13.01
CA GLY B 260 -4.28 4.61 -12.24
C GLY B 260 -4.47 4.08 -10.83
N ILE B 261 -5.42 3.16 -10.66
CA ILE B 261 -5.68 2.51 -9.37
C ILE B 261 -5.32 1.03 -9.54
N SER B 262 -4.18 0.63 -8.98
CA SER B 262 -3.71 -0.76 -9.03
C SER B 262 -4.41 -1.53 -7.92
N CYS B 263 -5.30 -2.46 -8.28
CA CYS B 263 -6.13 -3.12 -7.28
C CYS B 263 -6.34 -4.58 -7.66
N GLY B 264 -6.95 -5.35 -6.72
CA GLY B 264 -7.13 -6.78 -6.89
C GLY B 264 -8.39 -7.14 -7.68
N ILE B 265 -8.62 -8.45 -7.80
CA ILE B 265 -9.74 -8.95 -8.59
C ILE B 265 -11.08 -8.58 -7.95
N SER B 266 -11.18 -8.76 -6.63
CA SER B 266 -12.42 -8.40 -5.96
C SER B 266 -12.69 -6.91 -6.09
N CYS B 267 -11.65 -6.08 -6.24
CA CYS B 267 -11.87 -4.66 -6.48
C CYS B 267 -12.60 -4.43 -7.79
N GLY B 268 -12.19 -5.12 -8.86
CA GLY B 268 -12.94 -5.05 -10.10
C GLY B 268 -14.36 -5.58 -9.97
N ALA B 269 -14.55 -6.60 -9.14
CA ALA B 269 -15.91 -7.09 -8.89
C ALA B 269 -16.79 -6.00 -8.26
N ALA B 270 -16.29 -5.34 -7.20
CA ALA B 270 -17.09 -4.31 -6.56
C ALA B 270 -17.37 -3.15 -7.51
N MET B 271 -16.36 -2.72 -8.24
CA MET B 271 -16.52 -1.60 -9.17
C MET B 271 -17.44 -1.98 -10.32
N ALA B 272 -17.32 -3.20 -10.83
CA ALA B 272 -18.23 -3.62 -11.89
C ALA B 272 -19.68 -3.51 -11.42
N GLY B 273 -19.94 -3.91 -10.18
CA GLY B 273 -21.29 -3.74 -9.63
C GLY B 273 -21.64 -2.29 -9.37
N ALA B 274 -20.69 -1.52 -8.82
CA ALA B 274 -20.97 -0.12 -8.53
C ALA B 274 -21.30 0.66 -9.80
N LEU B 275 -20.65 0.33 -10.91
CA LEU B 275 -20.87 1.08 -12.15
C LEU B 275 -22.26 0.79 -12.74
N LYS B 276 -22.70 -0.47 -12.66
CA LYS B 276 -24.05 -0.82 -13.08
C LYS B 276 -25.10 -0.09 -12.27
N VAL B 277 -24.97 -0.11 -10.94
CA VAL B 277 -25.92 0.59 -10.09
C VAL B 277 -25.91 2.09 -10.39
N ALA B 278 -24.71 2.66 -10.57
CA ALA B 278 -24.59 4.10 -10.78
C ALA B 278 -25.16 4.55 -12.12
N ALA B 279 -25.36 3.64 -13.08
CA ALA B 279 -25.97 4.01 -14.34
C ALA B 279 -27.50 3.98 -14.29
N ARG B 280 -28.08 3.69 -13.14
CA ARG B 280 -29.53 3.58 -13.08
C ARG B 280 -30.17 4.97 -12.99
N PRO B 281 -31.29 5.17 -13.69
CA PRO B 281 -31.96 6.49 -13.64
C PRO B 281 -32.25 6.99 -12.23
N GLU B 282 -32.60 6.12 -11.29
CA GLU B 282 -32.94 6.65 -9.97
C GLU B 282 -31.75 7.26 -9.25
N PHE B 283 -30.53 7.08 -9.76
CA PHE B 283 -29.34 7.58 -9.07
C PHE B 283 -28.64 8.70 -9.83
N ALA B 284 -29.34 9.33 -10.78
CA ALA B 284 -28.78 10.49 -11.45
C ALA B 284 -28.47 11.59 -10.44
N GLY B 285 -27.31 12.23 -10.62
CA GLY B 285 -26.85 13.23 -9.66
C GLY B 285 -26.56 12.72 -8.25
N LYS B 286 -26.61 11.40 -8.03
CA LYS B 286 -26.36 10.84 -6.69
C LYS B 286 -24.92 10.35 -6.58
N THR B 287 -24.51 10.04 -5.33
CA THR B 287 -23.14 9.61 -5.00
C THR B 287 -23.12 8.13 -4.62
N ILE B 288 -22.33 7.34 -5.34
CA ILE B 288 -22.21 5.91 -5.11
C ILE B 288 -20.81 5.67 -4.54
N VAL B 289 -20.72 5.02 -3.39
CA VAL B 289 -19.43 4.72 -2.78
C VAL B 289 -19.20 3.22 -2.83
N THR B 290 -17.97 2.81 -3.15
CA THR B 290 -17.65 1.40 -3.15
C THR B 290 -16.29 1.22 -2.50
N VAL B 291 -15.96 -0.04 -2.15
CA VAL B 291 -14.72 -0.36 -1.45
C VAL B 291 -13.82 -1.18 -2.38
N LEU B 292 -12.56 -0.79 -2.49
CA LEU B 292 -11.55 -1.54 -3.24
C LEU B 292 -10.59 -2.18 -2.22
N PRO B 293 -10.75 -3.47 -1.91
CA PRO B 293 -10.10 -4.04 -0.72
C PRO B 293 -8.57 -4.06 -0.69
N ASP B 294 -7.87 -4.29 -1.81
CA ASP B 294 -6.42 -4.46 -1.70
C ASP B 294 -5.74 -3.97 -2.98
N ALA B 295 -4.44 -4.27 -3.13
CA ALA B 295 -3.62 -3.67 -4.17
C ALA B 295 -3.18 -4.70 -5.22
N GLY B 296 -2.76 -4.17 -6.37
CA GLY B 296 -2.54 -5.02 -7.53
C GLY B 296 -1.39 -6.00 -7.40
N GLU B 297 -0.34 -5.64 -6.65
CA GLU B 297 0.86 -6.48 -6.62
C GLU B 297 0.65 -7.79 -5.91
N ARG B 298 -0.40 -7.90 -5.10
CA ARG B 298 -0.75 -9.15 -4.46
C ARG B 298 -1.25 -10.19 -5.47
N TYR B 299 -1.44 -9.79 -6.74
CA TYR B 299 -2.13 -10.60 -7.73
C TYR B 299 -1.29 -10.87 -8.97
N LEU B 300 0.02 -10.62 -8.88
CA LEU B 300 0.89 -10.79 -10.05
C LEU B 300 0.82 -12.21 -10.61
N SER B 301 0.74 -13.20 -9.73
CA SER B 301 0.74 -14.61 -10.12
C SER B 301 -0.63 -15.13 -10.52
N THR B 302 -1.64 -14.28 -10.64
CA THR B 302 -3.03 -14.72 -10.81
C THR B 302 -3.50 -14.40 -12.23
N ALA B 303 -4.77 -14.77 -12.49
CA ALA B 303 -5.40 -14.50 -13.78
C ALA B 303 -5.52 -13.01 -14.08
N LEU B 304 -5.40 -12.15 -13.05
CA LEU B 304 -5.45 -10.71 -13.28
C LEU B 304 -4.34 -10.27 -14.24
N PHE B 305 -3.17 -10.86 -14.13
CA PHE B 305 -2.03 -10.49 -14.94
C PHE B 305 -1.72 -11.50 -16.04
N GLU B 306 -2.63 -12.47 -16.28
CA GLU B 306 -2.40 -13.48 -17.31
C GLU B 306 -2.23 -12.84 -18.68
N ASN B 307 -2.93 -11.73 -18.95
CA ASN B 307 -2.85 -11.08 -20.25
C ASN B 307 -1.54 -10.33 -20.48
N LEU B 308 -0.69 -10.21 -19.45
CA LEU B 308 0.61 -9.55 -19.59
C LEU B 308 1.77 -10.54 -19.43
N ARG B 309 1.51 -11.84 -19.61
CA ARG B 309 2.53 -12.90 -19.54
C ARG B 309 3.21 -12.95 -18.17
#